data_6UNH
#
_entry.id   6UNH
#
_cell.length_a   77.689
_cell.length_b   101.780
_cell.length_c   128.980
_cell.angle_alpha   90.000
_cell.angle_beta   90.000
_cell.angle_gamma   90.000
#
_symmetry.space_group_name_H-M   'I 2 2 2'
#
loop_
_entity.id
_entity.type
_entity.pdbx_description
1 polymer 'Cytochrome P450 3A4'
2 non-polymer 'PROTOPORPHYRIN IX CONTAINING FE'
3 non-polymer 'tert-butyl [(2R)-1-(1H-indol-3-yl)-3-{[(2S)-1-oxo-3-phenyl-1-{[2-(pyridin-3-yl)ethyl]amino}propan-2-yl]sulfanyl}propan-2-yl]carbamate'
#
_entity_poly.entity_id   1
_entity_poly.type   'polypeptide(L)'
_entity_poly.pdbx_seq_one_letter_code
;MAYLYGTHSHGLFKKLGIPGPTPLPFLGNILSYHKGFCMFDMECHKKYGKVWGFYDGQQPVLAITDPDMIKTVLVKECYS
VFTNRRPFGPVGFMKSAISIAEDEEWKRLRSLLSPTFTSGKLKEMVPIIAQYGDVLVRNLRREAETGKPVTLKDVFGAYS
MDVITSTSFGVNIDSLNNPQDPFVENTKKLLRFDFLDPFFLSITVFPFLIPILEVLNICVFPREVTNFLRKSVKRMKESR
LEDTQKHRVDFLQLMIDSQNSKETESHKALSDLELVAQSIIFIFAGYETTSSVLSFIMYELATHPDVQQKLQEEIDAVLP
NKAPPTYDTVLQMEYLDMVVNETLRLFPIAMRLERVCKKDVEINGMFIPKGVVVMIPSYALHRDPKYWTEPEKFLPERFS
KKNKDNIDPYIYTPFGSGPRNCIGMRFALMNMKLALIRVLQNFSFKPCKETQIPLKLSLGGLLQPEKPVVLKVESRDGTV
SGAHHHH
;
_entity_poly.pdbx_strand_id   A
#
loop_
_chem_comp.id
_chem_comp.type
_chem_comp.name
_chem_comp.formula
HEM non-polymer 'PROTOPORPHYRIN IX CONTAINING FE' 'C34 H32 Fe N4 O4'
QEA non-polymer 'tert-butyl [(2R)-1-(1H-indol-3-yl)-3-{[(2S)-1-oxo-3-phenyl-1-{[2-(pyridin-3-yl)ethyl]amino}propan-2-yl]sulfanyl}propan-2-yl]carbamate' 'C32 H38 N4 O3 S'
#
# COMPACT_ATOMS: atom_id res chain seq x y z
N THR A 7 -6.10 2.81 33.96
CA THR A 7 -6.41 1.64 33.16
C THR A 7 -7.88 1.27 33.31
N HIS A 8 -8.72 2.29 33.49
CA HIS A 8 -10.14 2.06 33.69
C HIS A 8 -10.86 1.62 32.42
N SER A 9 -10.24 1.82 31.26
CA SER A 9 -10.89 1.52 29.99
C SER A 9 -10.77 0.05 29.58
N HIS A 10 -10.04 -0.76 30.32
CA HIS A 10 -9.75 -2.13 29.92
C HIS A 10 -10.89 -3.10 30.19
N GLY A 11 -11.95 -2.66 30.86
CA GLY A 11 -13.05 -3.55 31.12
C GLY A 11 -14.08 -3.64 30.02
N LEU A 12 -13.87 -2.96 28.90
CA LEU A 12 -14.94 -2.82 27.91
C LEU A 12 -15.28 -4.13 27.23
N PHE A 13 -14.33 -5.05 27.10
CA PHE A 13 -14.59 -6.25 26.32
C PHE A 13 -15.09 -7.42 27.14
N LYS A 14 -14.94 -7.39 28.46
CA LYS A 14 -15.72 -8.28 29.29
C LYS A 14 -17.14 -7.75 29.45
N LYS A 15 -17.28 -6.43 29.60
CA LYS A 15 -18.59 -5.82 29.74
C LYS A 15 -19.45 -6.07 28.52
N LEU A 16 -18.85 -6.09 27.34
CA LEU A 16 -19.56 -6.44 26.11
C LEU A 16 -19.57 -7.94 25.84
N GLY A 17 -18.91 -8.73 26.68
CA GLY A 17 -18.86 -10.17 26.49
C GLY A 17 -18.17 -10.59 25.21
N ILE A 18 -17.03 -9.99 24.91
CA ILE A 18 -16.29 -10.21 23.67
C ILE A 18 -14.93 -10.79 24.02
N PRO A 19 -14.51 -11.89 23.40
CA PRO A 19 -13.25 -12.52 23.79
C PRO A 19 -12.04 -11.74 23.32
N GLY A 20 -10.93 -11.96 24.01
CA GLY A 20 -9.67 -11.38 23.64
C GLY A 20 -8.56 -11.69 24.63
N PRO A 21 -7.33 -11.35 24.26
CA PRO A 21 -6.23 -11.53 25.19
C PRO A 21 -6.35 -10.54 26.34
N THR A 22 -5.89 -10.97 27.49
CA THR A 22 -5.99 -10.13 28.67
C THR A 22 -5.02 -8.97 28.55
N PRO A 23 -5.46 -7.73 28.76
CA PRO A 23 -4.56 -6.58 28.67
C PRO A 23 -3.81 -6.31 29.98
N LEU A 24 -2.51 -6.09 29.86
CA LEU A 24 -1.70 -5.61 30.97
C LEU A 24 -2.04 -4.15 31.26
N PRO A 25 -1.83 -3.69 32.49
CA PRO A 25 -2.02 -2.26 32.77
C PRO A 25 -1.14 -1.39 31.89
N PHE A 26 -1.73 -0.31 31.38
CA PHE A 26 -1.05 0.72 30.61
C PHE A 26 -0.59 0.18 29.26
N LEU A 27 0.11 -0.95 29.24
CA LEU A 27 0.54 -1.53 27.96
C LEU A 27 -0.59 -2.07 27.07
N GLY A 28 -1.66 -2.57 27.66
CA GLY A 28 -2.67 -3.22 26.84
C GLY A 28 -2.17 -4.56 26.38
N ASN A 29 -2.26 -4.81 25.08
CA ASN A 29 -1.74 -6.03 24.48
C ASN A 29 -0.50 -5.79 23.63
N ILE A 30 0.14 -4.63 23.77
CA ILE A 30 1.18 -4.27 22.81
C ILE A 30 2.34 -5.25 22.88
N LEU A 31 2.58 -5.87 24.04
CA LEU A 31 3.65 -6.87 24.13
C LEU A 31 3.40 -8.04 23.19
N SER A 32 2.14 -8.29 22.84
CA SER A 32 1.79 -9.36 21.90
C SER A 32 2.16 -9.04 20.45
N TYR A 33 2.82 -7.90 20.20
CA TYR A 33 3.27 -7.51 18.86
C TYR A 33 4.70 -7.94 18.57
N HIS A 34 5.26 -8.86 19.36
CA HIS A 34 6.66 -9.22 19.23
C HIS A 34 6.97 -10.06 18.00
N LYS A 35 5.95 -10.45 17.23
CA LYS A 35 6.17 -11.12 15.95
C LYS A 35 5.30 -10.48 14.87
N GLY A 36 5.13 -9.17 14.96
CA GLY A 36 4.42 -8.41 13.95
C GLY A 36 2.91 -8.52 14.09
N PHE A 37 2.22 -7.52 13.52
CA PHE A 37 0.76 -7.54 13.52
C PHE A 37 0.21 -8.78 12.83
N CYS A 38 0.92 -9.28 11.82
CA CYS A 38 0.37 -10.37 11.01
C CYS A 38 0.23 -11.64 11.84
N MET A 39 1.32 -12.08 12.47
CA MET A 39 1.24 -13.31 13.25
C MET A 39 0.29 -13.19 14.43
N PHE A 40 0.21 -12.00 15.04
CA PHE A 40 -0.74 -11.78 16.13
C PHE A 40 -2.18 -11.81 15.64
N ASP A 41 -2.43 -11.36 14.40
CA ASP A 41 -3.77 -11.45 13.83
C ASP A 41 -4.12 -12.88 13.47
N MET A 42 -3.20 -13.60 12.82
CA MET A 42 -3.47 -14.99 12.46
C MET A 42 -3.79 -15.83 13.68
N GLU A 43 -3.05 -15.62 14.78
CA GLU A 43 -3.28 -16.41 15.98
C GLU A 43 -4.62 -16.05 16.60
N CYS A 44 -4.86 -14.76 16.83
CA CYS A 44 -6.14 -14.32 17.39
C CYS A 44 -7.32 -14.87 16.60
N HIS A 45 -7.25 -14.75 15.27
CA HIS A 45 -8.29 -15.33 14.42
C HIS A 45 -8.47 -16.80 14.72
N LYS A 46 -7.38 -17.56 14.75
CA LYS A 46 -7.45 -19.01 14.88
C LYS A 46 -8.06 -19.42 16.21
N LYS A 47 -7.83 -18.64 17.27
CA LYS A 47 -8.30 -19.06 18.58
C LYS A 47 -9.52 -18.30 19.10
N TYR A 48 -9.87 -17.14 18.52
CA TYR A 48 -11.02 -16.40 19.01
C TYR A 48 -12.21 -16.42 18.04
N GLY A 49 -11.97 -16.69 16.77
CA GLY A 49 -13.05 -16.91 15.84
C GLY A 49 -13.42 -15.68 15.05
N LYS A 50 -14.73 -15.43 14.92
CA LYS A 50 -15.22 -14.42 13.99
C LYS A 50 -14.94 -13.00 14.45
N VAL A 51 -14.86 -12.78 15.76
CA VAL A 51 -14.79 -11.43 16.31
C VAL A 51 -14.09 -11.51 17.66
N TRP A 52 -13.19 -10.56 17.91
CA TRP A 52 -12.51 -10.47 19.19
C TRP A 52 -12.06 -9.03 19.40
N GLY A 53 -11.41 -8.80 20.52
CA GLY A 53 -10.98 -7.46 20.88
C GLY A 53 -9.66 -7.48 21.62
N PHE A 54 -8.96 -6.36 21.53
CA PHE A 54 -7.69 -6.15 22.23
C PHE A 54 -7.50 -4.65 22.38
N TYR A 55 -6.45 -4.27 23.12
CA TYR A 55 -6.23 -2.88 23.53
C TYR A 55 -4.83 -2.44 23.12
N ASP A 56 -4.77 -1.47 22.20
CA ASP A 56 -3.51 -0.79 21.86
C ASP A 56 -3.30 0.31 22.89
N GLY A 57 -2.64 -0.04 24.00
CA GLY A 57 -2.57 0.85 25.13
C GLY A 57 -3.89 0.88 25.86
N GLN A 58 -4.49 2.05 25.98
CA GLN A 58 -5.87 2.19 26.45
C GLN A 58 -6.89 2.13 25.32
N GLN A 59 -6.43 1.93 24.09
CA GLN A 59 -7.28 2.09 22.90
C GLN A 59 -7.91 0.77 22.52
N PRO A 60 -9.21 0.57 22.74
CA PRO A 60 -9.83 -0.71 22.36
C PRO A 60 -9.92 -0.84 20.85
N VAL A 61 -9.67 -2.05 20.37
CA VAL A 61 -9.67 -2.35 18.95
C VAL A 61 -10.44 -3.65 18.75
N LEU A 62 -11.54 -3.57 18.02
CA LEU A 62 -12.39 -4.73 17.76
C LEU A 62 -12.11 -5.25 16.36
N ALA A 63 -11.67 -6.50 16.28
CA ALA A 63 -11.42 -7.15 15.00
C ALA A 63 -12.66 -7.93 14.57
N ILE A 64 -13.15 -7.63 13.36
CA ILE A 64 -14.29 -8.33 12.79
C ILE A 64 -13.84 -9.10 11.56
N THR A 65 -14.56 -10.19 11.27
CA THR A 65 -14.29 -10.99 10.08
C THR A 65 -15.56 -11.43 9.35
N ASP A 66 -16.72 -10.86 9.69
CA ASP A 66 -17.89 -11.30 8.91
C ASP A 66 -18.01 -10.47 7.64
N PRO A 67 -18.16 -11.10 6.48
CA PRO A 67 -18.27 -10.35 5.22
C PRO A 67 -19.42 -9.35 5.18
N ASP A 68 -20.58 -9.68 5.76
CA ASP A 68 -21.66 -8.71 5.86
C ASP A 68 -21.29 -7.57 6.81
N MET A 69 -20.59 -7.89 7.90
CA MET A 69 -20.16 -6.86 8.84
C MET A 69 -19.12 -5.93 8.21
N ILE A 70 -18.09 -6.51 7.59
CA ILE A 70 -17.06 -5.71 6.93
C ILE A 70 -17.68 -4.76 5.93
N LYS A 71 -18.67 -5.24 5.16
CA LYS A 71 -19.29 -4.42 4.14
C LYS A 71 -20.17 -3.33 4.75
N THR A 72 -20.71 -3.57 5.95
CA THR A 72 -21.45 -2.51 6.63
C THR A 72 -20.52 -1.39 7.06
N VAL A 73 -19.33 -1.74 7.54
CA VAL A 73 -18.37 -0.74 8.00
C VAL A 73 -17.71 -0.02 6.83
N LEU A 74 -17.30 -0.76 5.80
CA LEU A 74 -16.58 -0.13 4.70
C LEU A 74 -17.51 0.57 3.72
N VAL A 75 -18.70 0.03 3.47
CA VAL A 75 -19.55 0.54 2.39
C VAL A 75 -20.82 1.20 2.92
N LYS A 76 -21.69 0.42 3.56
CA LYS A 76 -23.00 0.92 3.99
C LYS A 76 -22.87 2.13 4.90
N GLU A 77 -22.39 1.92 6.13
CA GLU A 77 -22.34 2.95 7.16
C GLU A 77 -20.96 3.60 7.26
N CYS A 78 -20.25 3.62 6.14
CA CYS A 78 -19.01 4.39 6.11
C CYS A 78 -19.31 5.88 6.25
N TYR A 79 -20.27 6.38 5.48
CA TYR A 79 -20.53 7.82 5.43
C TYR A 79 -20.98 8.36 6.78
N SER A 80 -21.63 7.53 7.59
CA SER A 80 -22.28 8.00 8.81
C SER A 80 -21.54 7.62 10.09
N VAL A 81 -20.88 6.47 10.13
CA VAL A 81 -20.36 5.91 11.37
C VAL A 81 -18.85 5.71 11.32
N PHE A 82 -18.36 5.04 10.28
CA PHE A 82 -16.96 4.64 10.22
C PHE A 82 -16.29 5.41 9.09
N THR A 83 -16.03 6.69 9.34
CA THR A 83 -15.52 7.58 8.31
C THR A 83 -14.02 7.83 8.40
N ASN A 84 -13.43 7.69 9.58
CA ASN A 84 -12.03 8.04 9.77
C ASN A 84 -11.20 6.80 10.09
N ARG A 85 -9.92 6.91 9.83
CA ARG A 85 -8.96 5.92 10.32
C ARG A 85 -8.48 6.39 11.68
N ARG A 86 -7.84 5.48 12.40
CA ARG A 86 -7.44 5.83 13.77
C ARG A 86 -6.41 6.95 13.71
N PRO A 87 -6.57 8.01 14.50
CA PRO A 87 -5.66 9.14 14.38
C PRO A 87 -4.26 8.70 14.77
N PHE A 88 -3.27 9.27 14.10
CA PHE A 88 -1.89 9.12 14.56
C PHE A 88 -1.16 10.44 14.33
N GLY A 89 -0.17 10.72 15.19
CA GLY A 89 0.57 11.96 15.11
C GLY A 89 1.92 11.85 15.76
N PRO A 90 2.66 12.97 15.81
CA PRO A 90 2.27 14.28 15.28
C PRO A 90 2.45 14.40 13.75
N VAL A 91 1.62 15.21 13.10
CA VAL A 91 1.59 15.26 11.64
C VAL A 91 1.81 16.67 11.12
N GLY A 92 1.69 17.66 12.01
CA GLY A 92 1.87 19.04 11.58
C GLY A 92 0.89 19.42 10.49
N PHE A 93 1.40 20.12 9.47
CA PHE A 93 0.56 20.53 8.35
C PHE A 93 0.01 19.35 7.58
N MET A 94 0.59 18.16 7.72
CA MET A 94 0.05 16.99 7.04
C MET A 94 -1.30 16.56 7.59
N LYS A 95 -1.88 17.31 8.53
CA LYS A 95 -3.24 17.04 8.96
C LYS A 95 -4.22 17.10 7.81
N SER A 96 -3.90 17.84 6.75
CA SER A 96 -4.79 18.06 5.62
C SER A 96 -4.61 17.04 4.51
N ALA A 97 -3.78 16.02 4.69
CA ALA A 97 -3.63 14.98 3.69
C ALA A 97 -4.81 14.03 3.70
N ILE A 98 -5.12 13.44 2.54
CA ILE A 98 -6.41 12.79 2.35
C ILE A 98 -6.53 11.54 3.22
N SER A 99 -5.51 10.69 3.23
CA SER A 99 -5.58 9.48 4.05
C SER A 99 -5.56 9.77 5.54
N ILE A 100 -5.24 11.00 5.92
CA ILE A 100 -5.23 11.39 7.32
C ILE A 100 -6.44 12.25 7.69
N ALA A 101 -6.95 13.06 6.76
CA ALA A 101 -8.03 13.99 7.09
C ALA A 101 -9.29 13.24 7.50
N GLU A 102 -10.23 13.96 8.09
CA GLU A 102 -11.42 13.33 8.64
C GLU A 102 -12.68 14.06 8.20
N ASP A 103 -13.77 13.30 8.12
CA ASP A 103 -15.12 13.83 7.97
C ASP A 103 -15.28 14.78 6.79
N GLU A 104 -15.74 16.01 7.08
CA GLU A 104 -16.22 16.87 6.00
C GLU A 104 -15.09 17.49 5.19
N GLU A 105 -13.90 17.63 5.77
CA GLU A 105 -12.78 18.06 4.96
C GLU A 105 -12.06 16.91 4.29
N TRP A 106 -12.35 15.66 4.68
CA TRP A 106 -11.96 14.54 3.86
C TRP A 106 -12.84 14.43 2.62
N LYS A 107 -14.16 14.43 2.81
CA LYS A 107 -15.08 14.31 1.68
C LYS A 107 -14.87 15.42 0.66
N ARG A 108 -14.38 16.63 1.22
CA ARG A 108 -13.96 17.72 0.36
C ARG A 108 -12.73 17.34 -0.46
N LEU A 109 -11.75 16.79 0.13
CA LEU A 109 -10.52 16.38 -0.56
C LEU A 109 -10.72 15.11 -1.37
N ARG A 110 -11.51 14.16 -0.87
CA ARG A 110 -11.75 12.95 -1.64
C ARG A 110 -12.45 13.26 -2.96
N SER A 111 -13.45 14.14 -2.92
CA SER A 111 -14.14 14.52 -4.14
C SER A 111 -13.25 15.40 -5.03
N LEU A 112 -12.48 16.31 -4.43
CA LEU A 112 -11.65 17.20 -5.22
C LEU A 112 -10.54 16.45 -5.95
N LEU A 113 -10.10 15.31 -5.42
CA LEU A 113 -8.97 14.58 -5.97
C LEU A 113 -9.34 13.31 -6.71
N SER A 114 -10.60 12.86 -6.62
CA SER A 114 -11.01 11.67 -7.35
C SER A 114 -10.79 11.75 -8.87
N PRO A 115 -11.11 12.87 -9.56
CA PRO A 115 -10.95 12.88 -11.03
C PRO A 115 -9.50 12.85 -11.51
N THR A 116 -8.55 12.64 -10.61
CA THR A 116 -7.17 12.48 -11.01
C THR A 116 -6.83 11.04 -11.40
N PHE A 117 -7.71 10.08 -11.12
CA PHE A 117 -7.48 8.67 -11.43
C PHE A 117 -8.65 8.12 -12.24
N THR A 118 -8.89 8.74 -13.40
CA THR A 118 -9.97 8.41 -14.31
C THR A 118 -9.43 7.66 -15.51
N SER A 119 -10.24 6.75 -16.05
CA SER A 119 -9.89 5.99 -17.25
C SER A 119 -9.29 6.89 -18.32
N GLY A 120 -9.89 8.06 -18.55
CA GLY A 120 -9.37 8.96 -19.56
C GLY A 120 -8.00 9.54 -19.19
N LYS A 121 -7.81 9.84 -17.90
CA LYS A 121 -6.52 10.37 -17.46
C LYS A 121 -5.46 9.28 -17.33
N LEU A 122 -5.87 8.08 -16.94
CA LEU A 122 -4.92 6.97 -16.82
C LEU A 122 -4.42 6.54 -18.19
N LYS A 123 -5.31 6.50 -19.19
CA LYS A 123 -4.89 6.22 -20.56
C LYS A 123 -3.95 7.30 -21.08
N GLU A 124 -4.12 8.54 -20.64
CA GLU A 124 -3.29 9.65 -21.07
C GLU A 124 -1.91 9.64 -20.43
N MET A 125 -1.61 8.63 -19.62
CA MET A 125 -0.29 8.48 -19.02
C MET A 125 0.49 7.31 -19.60
N VAL A 126 -0.13 6.50 -20.47
CA VAL A 126 0.57 5.35 -21.05
C VAL A 126 1.84 5.76 -21.79
N PRO A 127 1.79 6.67 -22.78
CA PRO A 127 3.04 6.98 -23.51
C PRO A 127 4.10 7.62 -22.64
N ILE A 128 3.71 8.39 -21.62
CA ILE A 128 4.68 9.07 -20.79
C ILE A 128 5.51 8.07 -20.00
N ILE A 129 4.85 7.17 -19.28
CA ILE A 129 5.56 6.19 -18.45
C ILE A 129 6.06 4.99 -19.25
N ALA A 130 5.58 4.81 -20.48
CA ALA A 130 6.20 3.83 -21.37
C ALA A 130 7.59 4.29 -21.79
N GLN A 131 7.83 5.60 -21.79
CA GLN A 131 9.16 6.12 -22.04
C GLN A 131 10.12 5.83 -20.88
N TYR A 132 9.60 5.47 -19.71
CA TYR A 132 10.45 5.05 -18.59
C TYR A 132 10.63 3.55 -18.50
N GLY A 133 9.63 2.78 -18.94
CA GLY A 133 9.86 1.35 -19.10
C GLY A 133 11.09 1.07 -19.92
N ASP A 134 11.30 1.86 -20.99
CA ASP A 134 12.53 1.76 -21.76
C ASP A 134 13.75 2.09 -20.90
N VAL A 135 13.65 3.17 -20.12
CA VAL A 135 14.75 3.54 -19.22
C VAL A 135 15.01 2.42 -18.21
N LEU A 136 13.93 1.77 -17.76
CA LEU A 136 14.09 0.62 -16.87
C LEU A 136 14.88 -0.50 -17.55
N VAL A 137 14.68 -0.68 -18.86
CA VAL A 137 15.34 -1.78 -19.56
C VAL A 137 16.85 -1.57 -19.58
N ARG A 138 17.31 -0.41 -20.06
CA ARG A 138 18.74 -0.20 -20.25
C ARG A 138 19.49 -0.25 -18.91
N ASN A 139 18.93 0.39 -17.88
CA ASN A 139 19.54 0.31 -16.55
C ASN A 139 19.59 -1.13 -16.06
N LEU A 140 18.67 -1.98 -16.50
CA LEU A 140 18.65 -3.38 -16.11
C LEU A 140 19.50 -4.25 -17.01
N ARG A 141 19.71 -3.83 -18.26
CA ARG A 141 20.54 -4.60 -19.18
C ARG A 141 22.01 -4.58 -18.74
N ARG A 142 22.46 -3.44 -18.21
CA ARG A 142 23.86 -3.29 -17.84
C ARG A 142 24.29 -4.37 -16.85
N GLU A 143 23.47 -4.63 -15.83
CA GLU A 143 23.78 -5.62 -14.81
C GLU A 143 23.31 -7.03 -15.19
N ALA A 144 22.78 -7.21 -16.40
CA ALA A 144 22.54 -8.56 -16.89
C ALA A 144 23.83 -9.21 -17.36
N GLU A 145 24.75 -8.42 -17.92
CA GLU A 145 26.06 -8.93 -18.28
C GLU A 145 27.00 -8.99 -17.08
N THR A 146 26.77 -8.16 -16.07
CA THR A 146 27.50 -8.26 -14.81
C THR A 146 27.39 -9.67 -14.23
N GLY A 147 26.21 -10.26 -14.32
CA GLY A 147 26.04 -11.66 -13.95
C GLY A 147 26.23 -11.97 -12.48
N LYS A 148 25.84 -11.04 -11.61
CA LYS A 148 25.88 -11.25 -10.17
C LYS A 148 24.64 -10.64 -9.55
N PRO A 149 24.12 -11.24 -8.45
CA PRO A 149 22.75 -10.96 -7.96
C PRO A 149 22.30 -9.50 -7.98
N VAL A 150 21.03 -9.28 -8.34
CA VAL A 150 20.46 -7.96 -8.56
C VAL A 150 19.40 -7.69 -7.51
N THR A 151 19.48 -6.53 -6.87
CA THR A 151 18.50 -6.12 -5.87
C THR A 151 17.35 -5.39 -6.55
N LEU A 152 16.14 -5.91 -6.38
CA LEU A 152 15.00 -5.40 -7.15
C LEU A 152 14.45 -4.11 -6.55
N LYS A 153 14.43 -4.02 -5.21
CA LYS A 153 13.89 -2.82 -4.57
C LYS A 153 14.60 -1.56 -5.06
N ASP A 154 15.88 -1.65 -5.38
CA ASP A 154 16.61 -0.48 -5.83
C ASP A 154 16.34 -0.16 -7.30
N VAL A 155 16.33 -1.18 -8.16
CA VAL A 155 16.03 -0.92 -9.57
C VAL A 155 14.56 -0.55 -9.74
N PHE A 156 13.67 -1.23 -9.02
CA PHE A 156 12.25 -0.91 -9.10
C PHE A 156 11.96 0.46 -8.48
N GLY A 157 12.63 0.78 -7.39
CA GLY A 157 12.53 2.09 -6.78
C GLY A 157 12.81 3.18 -7.80
N ALA A 158 13.98 3.11 -8.45
CA ALA A 158 14.33 4.11 -9.47
C ALA A 158 13.23 4.26 -10.51
N TYR A 159 12.76 3.15 -11.10
CA TYR A 159 11.66 3.21 -12.06
C TYR A 159 10.43 3.82 -11.43
N SER A 160 9.91 3.19 -10.38
CA SER A 160 8.69 3.68 -9.74
C SER A 160 8.84 5.15 -9.35
N MET A 161 10.02 5.53 -8.87
CA MET A 161 10.31 6.93 -8.62
C MET A 161 10.25 7.75 -9.90
N ASP A 162 10.96 7.30 -10.94
CA ASP A 162 10.92 7.98 -12.23
C ASP A 162 9.48 8.17 -12.71
N VAL A 163 8.64 7.15 -12.51
CA VAL A 163 7.25 7.25 -12.93
C VAL A 163 6.47 8.21 -12.05
N ILE A 164 6.84 8.31 -10.77
CA ILE A 164 6.14 9.22 -9.88
C ILE A 164 6.49 10.67 -10.21
N THR A 165 7.78 11.00 -10.16
CA THR A 165 8.23 12.35 -10.45
C THR A 165 7.58 12.87 -11.72
N SER A 166 7.63 12.07 -12.80
CA SER A 166 7.07 12.52 -14.07
C SER A 166 5.57 12.71 -13.99
N THR A 167 4.84 11.72 -13.49
CA THR A 167 3.39 11.82 -13.41
C THR A 167 2.93 12.85 -12.39
N SER A 168 3.83 13.33 -11.52
CA SER A 168 3.45 14.24 -10.45
C SER A 168 3.92 15.67 -10.66
N PHE A 169 5.03 15.88 -11.38
CA PHE A 169 5.54 17.23 -11.59
C PHE A 169 6.16 17.44 -12.97
N GLY A 170 6.25 16.40 -13.81
CA GLY A 170 6.92 16.50 -15.08
C GLY A 170 8.43 16.50 -15.01
N VAL A 171 9.02 16.14 -13.89
CA VAL A 171 10.47 16.22 -13.70
C VAL A 171 11.07 14.87 -14.08
N ASN A 172 11.70 14.83 -15.25
CA ASN A 172 12.13 13.58 -15.87
C ASN A 172 13.59 13.33 -15.53
N ILE A 173 13.84 12.27 -14.76
CA ILE A 173 15.18 11.98 -14.26
C ILE A 173 15.41 10.48 -14.26
N ASP A 174 16.65 10.09 -14.57
CA ASP A 174 17.10 8.70 -14.46
C ASP A 174 17.65 8.51 -13.04
N SER A 175 16.76 8.10 -12.13
CA SER A 175 17.09 8.16 -10.70
C SER A 175 18.19 7.18 -10.33
N LEU A 176 18.24 6.01 -10.98
CA LEU A 176 19.34 5.09 -10.73
C LEU A 176 20.66 5.71 -11.18
N ASN A 177 20.70 6.21 -12.42
CA ASN A 177 21.88 6.89 -12.93
C ASN A 177 22.04 8.30 -12.36
N ASN A 178 20.98 8.87 -11.79
CA ASN A 178 21.12 10.10 -11.02
C ASN A 178 20.86 9.81 -9.55
N PRO A 179 21.82 9.26 -8.82
CA PRO A 179 21.62 9.12 -7.37
C PRO A 179 21.81 10.46 -6.67
N GLN A 180 21.55 11.55 -7.37
CA GLN A 180 22.10 12.85 -7.01
C GLN A 180 21.06 13.96 -6.93
N ASP A 181 20.54 14.38 -8.09
CA ASP A 181 19.77 15.59 -8.32
C ASP A 181 18.71 15.86 -7.23
N PRO A 182 18.38 17.13 -6.98
CA PRO A 182 17.56 17.46 -5.81
C PRO A 182 16.19 16.79 -5.77
N PHE A 183 15.60 16.46 -6.92
CA PHE A 183 14.28 15.85 -6.92
C PHE A 183 14.31 14.34 -6.64
N VAL A 184 15.49 13.74 -6.54
CA VAL A 184 15.60 12.35 -6.13
C VAL A 184 16.29 12.18 -4.77
N GLU A 185 17.01 13.19 -4.29
CA GLU A 185 17.68 13.07 -3.00
C GLU A 185 16.67 12.95 -1.87
N ASN A 186 15.78 13.94 -1.73
CA ASN A 186 14.85 13.97 -0.61
C ASN A 186 13.84 12.84 -0.68
N THR A 187 13.47 12.42 -1.89
CA THR A 187 12.49 11.36 -2.04
C THR A 187 12.98 10.06 -1.43
N LYS A 188 14.29 9.78 -1.54
CA LYS A 188 14.88 8.63 -0.86
C LYS A 188 14.63 8.69 0.64
N LYS A 189 14.64 9.88 1.22
CA LYS A 189 14.38 10.05 2.64
C LYS A 189 12.93 9.68 2.96
N PHE A 193 6.68 3.75 7.64
CA PHE A 193 6.51 4.07 9.06
C PHE A 193 6.34 2.83 9.92
N ASP A 194 7.45 2.36 10.49
CA ASP A 194 7.43 1.20 11.38
C ASP A 194 6.56 1.55 12.59
N PHE A 195 5.36 0.98 12.65
CA PHE A 195 4.46 1.22 13.78
C PHE A 195 4.96 0.57 15.07
N LEU A 196 6.12 -0.11 14.99
CA LEU A 196 6.70 -0.77 16.16
C LEU A 196 8.15 -0.42 16.54
N ASP A 197 8.66 0.74 16.13
CA ASP A 197 10.01 1.16 16.52
C ASP A 197 9.93 1.79 17.91
N PRO A 198 11.10 2.18 18.51
CA PRO A 198 11.07 2.83 19.83
C PRO A 198 10.08 3.97 19.95
N PHE A 199 9.68 4.57 18.82
CA PHE A 199 8.88 5.78 18.83
C PHE A 199 7.38 5.48 18.80
N PHE A 200 6.91 4.81 17.75
CA PHE A 200 5.46 4.66 17.57
C PHE A 200 4.85 3.77 18.63
N LEU A 201 5.62 2.84 19.19
CA LEU A 201 5.17 2.15 20.39
C LEU A 201 4.92 3.14 21.51
N SER A 202 5.83 4.11 21.69
CA SER A 202 5.73 5.07 22.77
C SER A 202 4.58 6.06 22.58
N ILE A 203 4.04 6.21 21.36
CA ILE A 203 2.90 7.09 21.18
C ILE A 203 1.57 6.34 21.30
N THR A 204 1.58 5.01 21.24
CA THR A 204 0.39 4.25 21.59
C THR A 204 0.30 3.98 23.09
N VAL A 205 1.42 4.04 23.79
CA VAL A 205 1.41 4.00 25.23
C VAL A 205 1.25 5.40 25.83
N PHE A 206 1.69 6.43 25.11
CA PHE A 206 1.49 7.82 25.52
C PHE A 206 0.77 8.60 24.44
N PRO A 207 -0.45 8.19 24.04
CA PRO A 207 -1.20 9.00 23.08
C PRO A 207 -1.51 10.37 23.64
N PHE A 208 -1.45 10.55 24.96
CA PHE A 208 -1.58 11.84 25.60
C PHE A 208 -0.37 12.75 25.35
N LEU A 209 0.72 12.21 24.82
CA LEU A 209 1.89 13.01 24.49
C LEU A 209 1.85 13.56 23.07
N ILE A 210 0.91 13.09 22.24
CA ILE A 210 0.80 13.61 20.87
C ILE A 210 0.57 15.12 20.84
N PRO A 211 -0.33 15.71 21.63
CA PRO A 211 -0.49 17.17 21.59
C PRO A 211 0.76 17.91 22.00
N ILE A 212 1.68 17.28 22.73
CA ILE A 212 2.90 17.94 23.17
C ILE A 212 3.84 18.14 22.00
N LEU A 213 4.01 17.11 21.18
CA LEU A 213 4.92 17.21 20.03
C LEU A 213 4.38 18.16 18.96
N GLU A 214 3.06 18.31 18.84
CA GLU A 214 2.50 19.23 17.86
C GLU A 214 2.82 20.67 18.24
N VAL A 215 2.67 20.98 19.53
CA VAL A 215 3.06 22.29 20.05
C VAL A 215 4.52 22.58 19.72
N LEU A 216 5.35 21.54 19.66
CA LEU A 216 6.77 21.68 19.35
C LEU A 216 7.06 21.61 17.85
N ASN A 217 6.03 21.70 17.00
CA ASN A 217 6.18 21.62 15.56
C ASN A 217 6.89 20.33 15.13
N ILE A 218 7.05 19.39 16.06
CA ILE A 218 7.64 18.10 15.74
C ILE A 218 6.68 17.30 14.87
N CYS A 219 7.24 16.57 13.91
CA CYS A 219 6.47 15.88 12.89
C CYS A 219 7.10 14.53 12.63
N VAL A 220 6.27 13.50 12.41
CA VAL A 220 6.79 12.20 11.98
C VAL A 220 7.28 12.26 10.53
N PHE A 221 6.83 13.26 9.78
CA PHE A 221 7.46 13.67 8.53
C PHE A 221 8.42 14.79 8.89
N PRO A 222 9.67 14.48 9.24
CA PRO A 222 10.56 15.52 9.77
C PRO A 222 10.75 16.65 8.77
N ARG A 223 10.77 17.88 9.28
CA ARG A 223 10.59 19.10 8.50
C ARG A 223 11.76 19.42 7.54
N GLU A 224 12.64 18.46 7.22
CA GLU A 224 13.65 18.69 6.18
C GLU A 224 13.12 18.37 4.79
N VAL A 225 12.31 17.32 4.67
CA VAL A 225 11.74 16.96 3.38
C VAL A 225 10.61 17.90 3.00
N THR A 226 9.70 18.14 3.95
CA THR A 226 8.54 18.98 3.70
C THR A 226 8.94 20.34 3.15
N ASN A 227 9.96 20.95 3.75
CA ASN A 227 10.36 22.29 3.34
C ASN A 227 10.90 22.32 1.92
N PHE A 228 11.55 21.23 1.48
CA PHE A 228 12.03 21.20 0.10
C PHE A 228 10.88 21.34 -0.88
N LEU A 229 9.78 20.62 -0.62
CA LEU A 229 8.67 20.60 -1.56
C LEU A 229 7.78 21.83 -1.45
N ARG A 230 7.64 22.40 -0.25
CA ARG A 230 6.86 23.62 -0.11
C ARG A 230 7.33 24.69 -1.07
N LYS A 231 8.63 24.75 -1.36
CA LYS A 231 9.17 25.68 -2.35
C LYS A 231 9.43 25.02 -3.70
N SER A 232 9.82 23.75 -3.73
CA SER A 232 9.96 23.06 -5.02
C SER A 232 8.65 23.12 -5.80
N VAL A 233 7.53 23.04 -5.09
CA VAL A 233 6.24 23.23 -5.74
C VAL A 233 5.94 24.72 -5.91
N LYS A 234 6.34 25.55 -4.94
CA LYS A 234 6.06 26.99 -4.97
C LYS A 234 6.42 27.60 -6.32
N ARG A 235 7.70 27.51 -6.70
CA ARG A 235 8.13 28.11 -7.96
C ARG A 235 7.57 27.35 -9.16
N MET A 236 7.34 26.04 -9.02
CA MET A 236 6.79 25.29 -10.13
C MET A 236 5.27 25.25 -10.15
N LYS A 237 4.62 25.56 -9.03
CA LYS A 237 3.22 25.97 -9.06
C LYS A 237 3.04 26.98 -10.18
N GLU A 238 3.77 28.09 -10.06
CA GLU A 238 3.54 29.26 -10.88
C GLU A 238 4.76 29.49 -11.76
N SER A 239 5.74 30.27 -11.31
CA SER A 239 6.72 30.88 -12.20
C SER A 239 7.69 29.88 -12.83
N ARG A 240 7.38 28.58 -12.77
CA ARG A 240 8.08 27.61 -13.60
C ARG A 240 7.23 27.06 -14.74
N LEU A 241 5.90 27.17 -14.66
CA LEU A 241 5.04 27.01 -15.82
C LEU A 241 4.01 28.14 -15.83
N GLU A 242 4.50 29.37 -15.98
CA GLU A 242 3.62 30.50 -16.19
C GLU A 242 3.75 31.01 -17.62
N ASP A 250 -0.61 15.16 -15.31
CA ASP A 250 0.13 15.59 -14.13
C ASP A 250 -0.83 15.89 -12.98
N PHE A 251 -0.63 15.22 -11.84
CA PHE A 251 -1.48 15.46 -10.67
C PHE A 251 -1.43 16.92 -10.24
N LEU A 252 -0.27 17.56 -10.40
CA LEU A 252 -0.13 18.95 -9.98
C LEU A 252 -0.94 19.87 -10.89
N GLN A 253 -0.71 19.78 -12.20
CA GLN A 253 -1.51 20.55 -13.15
C GLN A 253 -3.00 20.34 -12.95
N LEU A 254 -3.39 19.12 -12.55
CA LEU A 254 -4.80 18.78 -12.32
C LEU A 254 -5.29 19.23 -10.94
N MET A 255 -4.43 19.82 -10.12
CA MET A 255 -4.85 20.46 -8.87
C MET A 255 -4.77 21.97 -8.91
N ILE A 256 -3.96 22.54 -9.81
CA ILE A 256 -3.89 24.00 -9.89
C ILE A 256 -4.97 24.53 -10.83
N ASP A 257 -5.34 23.77 -11.86
CA ASP A 257 -6.45 24.20 -12.73
C ASP A 257 -7.79 24.20 -11.97
N SER A 258 -7.70 23.91 -10.68
CA SER A 258 -8.79 24.16 -9.74
C SER A 258 -8.29 24.84 -8.47
N GLN A 259 -7.10 25.44 -8.49
CA GLN A 259 -6.62 26.25 -7.37
C GLN A 259 -6.58 27.73 -7.77
N LYS A 268 -15.71 25.01 -1.32
CA LYS A 268 -14.72 23.98 -1.61
C LYS A 268 -13.49 24.58 -2.28
N ALA A 269 -12.55 25.07 -1.47
CA ALA A 269 -11.33 25.66 -1.99
C ALA A 269 -10.18 24.66 -1.87
N LEU A 270 -8.96 25.17 -1.91
CA LEU A 270 -7.77 24.32 -1.81
C LEU A 270 -6.51 25.14 -1.59
N SER A 271 -6.16 25.34 -0.32
CA SER A 271 -4.96 26.11 0.02
C SER A 271 -3.70 25.48 -0.57
N ASP A 272 -2.67 26.30 -0.75
CA ASP A 272 -1.41 25.82 -1.32
C ASP A 272 -0.59 25.01 -0.31
N LEU A 273 -0.74 25.28 0.99
CA LEU A 273 -0.14 24.39 1.98
C LEU A 273 -0.84 23.03 1.99
N GLU A 274 -2.16 23.02 1.74
CA GLU A 274 -2.88 21.77 1.59
C GLU A 274 -2.54 21.08 0.27
N LEU A 275 -2.05 21.83 -0.72
CA LEU A 275 -1.67 21.23 -1.99
C LEU A 275 -0.37 20.43 -1.88
N VAL A 276 0.60 20.95 -1.12
CA VAL A 276 1.85 20.23 -0.87
C VAL A 276 1.58 18.90 -0.17
N ALA A 277 0.56 18.86 0.69
CA ALA A 277 0.31 17.67 1.51
C ALA A 277 -0.06 16.47 0.65
N GLN A 278 -1.03 16.63 -0.25
CA GLN A 278 -1.43 15.51 -1.10
C GLN A 278 -0.28 15.05 -1.97
N SER A 279 0.55 15.98 -2.43
CA SER A 279 1.70 15.64 -3.26
C SER A 279 2.60 14.65 -2.56
N ILE A 280 2.83 14.84 -1.25
CA ILE A 280 3.69 13.92 -0.51
C ILE A 280 3.08 12.53 -0.46
N ILE A 281 1.77 12.45 -0.22
CA ILE A 281 1.12 11.15 -0.11
C ILE A 281 1.26 10.38 -1.41
N PHE A 282 0.84 11.00 -2.52
CA PHE A 282 1.01 10.36 -3.82
C PHE A 282 2.44 9.85 -4.00
N ILE A 283 3.42 10.62 -3.52
CA ILE A 283 4.81 10.28 -3.81
C ILE A 283 5.22 9.04 -3.01
N PHE A 284 4.92 9.01 -1.71
CA PHE A 284 5.17 7.80 -0.96
C PHE A 284 4.26 6.61 -1.26
N ALA A 285 2.98 6.90 -1.55
CA ALA A 285 2.03 5.90 -2.01
C ALA A 285 2.35 5.65 -3.47
N GLY A 286 3.28 4.74 -3.76
CA GLY A 286 3.54 4.47 -5.16
C GLY A 286 5.00 4.51 -5.53
N TYR A 287 5.83 4.90 -4.56
CA TYR A 287 7.28 4.60 -4.62
C TYR A 287 7.70 3.46 -3.73
N GLU A 288 7.12 3.36 -2.53
CA GLU A 288 7.47 2.26 -1.65
C GLU A 288 6.44 1.17 -1.93
N THR A 289 5.18 1.53 -2.15
CA THR A 289 4.16 0.51 -2.39
C THR A 289 4.36 -0.13 -3.77
N THR A 290 4.57 0.68 -4.80
CA THR A 290 4.73 0.12 -6.15
C THR A 290 5.97 -0.75 -6.24
N SER A 291 7.06 -0.35 -5.59
CA SER A 291 8.29 -1.12 -5.71
C SER A 291 8.31 -2.31 -4.75
N SER A 292 7.70 -2.18 -3.57
CA SER A 292 7.62 -3.34 -2.67
C SER A 292 6.84 -4.46 -3.33
N VAL A 293 5.67 -4.14 -3.90
CA VAL A 293 4.82 -5.15 -4.50
C VAL A 293 5.46 -5.73 -5.76
N LEU A 294 6.18 -4.90 -6.53
CA LEU A 294 6.89 -5.43 -7.69
C LEU A 294 8.01 -6.37 -7.28
N SER A 295 8.61 -6.14 -6.11
CA SER A 295 9.67 -7.02 -5.65
C SER A 295 9.09 -8.35 -5.18
N PHE A 296 7.92 -8.33 -4.55
CA PHE A 296 7.25 -9.56 -4.15
C PHE A 296 6.83 -10.39 -5.36
N ILE A 297 6.51 -9.74 -6.48
CA ILE A 297 6.07 -10.48 -7.67
C ILE A 297 7.23 -11.17 -8.36
N MET A 298 8.37 -10.47 -8.47
CA MET A 298 9.54 -11.08 -9.10
C MET A 298 10.11 -12.21 -8.25
N TYR A 299 9.94 -12.15 -6.93
CA TYR A 299 10.31 -13.28 -6.09
C TYR A 299 9.43 -14.48 -6.40
N GLU A 300 8.12 -14.27 -6.45
CA GLU A 300 7.21 -15.39 -6.69
C GLU A 300 7.35 -15.94 -8.10
N LEU A 301 7.75 -15.12 -9.07
CA LEU A 301 8.01 -15.65 -10.40
C LEU A 301 9.30 -16.46 -10.43
N ALA A 302 10.34 -16.01 -9.71
CA ALA A 302 11.63 -16.67 -9.78
C ALA A 302 11.65 -18.00 -9.03
N THR A 303 10.86 -18.15 -7.97
CA THR A 303 10.74 -19.42 -7.28
C THR A 303 9.59 -20.27 -7.81
N HIS A 304 8.91 -19.80 -8.85
CA HIS A 304 7.90 -20.57 -9.58
C HIS A 304 8.15 -20.38 -11.06
N PRO A 305 9.21 -20.97 -11.61
CA PRO A 305 9.54 -20.73 -13.03
C PRO A 305 8.42 -21.10 -13.97
N ASP A 306 7.63 -22.12 -13.63
CA ASP A 306 6.44 -22.49 -14.38
C ASP A 306 5.58 -21.27 -14.70
N VAL A 307 5.20 -20.53 -13.66
CA VAL A 307 4.37 -19.35 -13.83
C VAL A 307 5.09 -18.31 -14.70
N GLN A 308 6.38 -18.09 -14.42
CA GLN A 308 7.15 -17.12 -15.19
C GLN A 308 7.13 -17.46 -16.67
N GLN A 309 7.29 -18.75 -16.99
CA GLN A 309 7.20 -19.18 -18.38
C GLN A 309 5.80 -18.99 -18.93
N LYS A 310 4.78 -19.30 -18.13
CA LYS A 310 3.41 -19.11 -18.61
C LYS A 310 3.13 -17.65 -18.88
N LEU A 311 3.69 -16.76 -18.06
CA LEU A 311 3.45 -15.33 -18.23
C LEU A 311 4.23 -14.77 -19.43
N GLN A 312 5.46 -15.23 -19.63
CA GLN A 312 6.24 -14.75 -20.77
C GLN A 312 5.57 -15.11 -22.08
N GLU A 313 4.80 -16.20 -22.10
CA GLU A 313 4.11 -16.63 -23.31
C GLU A 313 2.82 -15.84 -23.54
N GLU A 314 2.09 -15.51 -22.46
CA GLU A 314 0.92 -14.64 -22.61
C GLU A 314 1.33 -13.26 -23.08
N ILE A 315 2.38 -12.69 -22.49
CA ILE A 315 2.85 -11.36 -22.86
C ILE A 315 3.20 -11.32 -24.34
N ASP A 316 3.99 -12.29 -24.80
CA ASP A 316 4.45 -12.31 -26.19
C ASP A 316 3.31 -12.56 -27.17
N ALA A 317 2.22 -13.19 -26.73
CA ALA A 317 1.09 -13.42 -27.64
C ALA A 317 0.27 -12.16 -27.84
N VAL A 318 0.04 -11.39 -26.76
CA VAL A 318 -0.66 -10.12 -26.90
C VAL A 318 0.23 -9.09 -27.58
N LEU A 319 1.50 -9.01 -27.16
CA LEU A 319 2.46 -8.04 -27.70
C LEU A 319 3.53 -8.74 -28.54
N PRO A 320 3.27 -9.02 -29.82
CA PRO A 320 4.28 -9.66 -30.65
C PRO A 320 5.40 -8.71 -31.00
N ASN A 321 6.60 -9.28 -31.22
CA ASN A 321 7.82 -8.52 -31.51
C ASN A 321 8.23 -7.64 -30.34
N LYS A 322 7.94 -8.05 -29.11
CA LYS A 322 8.21 -7.25 -27.91
C LYS A 322 7.57 -5.87 -28.02
N ALA A 323 6.38 -5.81 -28.62
CA ALA A 323 5.75 -4.55 -28.97
C ALA A 323 5.47 -3.69 -27.73
N PRO A 324 5.39 -2.37 -27.90
CA PRO A 324 5.09 -1.49 -26.78
C PRO A 324 3.67 -1.70 -26.28
N PRO A 325 3.48 -1.74 -24.97
CA PRO A 325 2.14 -1.95 -24.42
C PRO A 325 1.29 -0.69 -24.52
N THR A 326 -0.02 -0.89 -24.47
CA THR A 326 -0.98 0.20 -24.44
C THR A 326 -1.98 -0.06 -23.33
N TYR A 327 -2.84 0.94 -23.09
CA TYR A 327 -3.85 0.81 -22.06
C TYR A 327 -4.76 -0.38 -22.31
N ASP A 328 -5.25 -0.51 -23.55
CA ASP A 328 -6.14 -1.61 -23.88
C ASP A 328 -5.41 -2.94 -23.79
N THR A 329 -4.13 -2.96 -24.17
CA THR A 329 -3.34 -4.18 -24.12
C THR A 329 -3.27 -4.75 -22.71
N VAL A 330 -3.10 -3.89 -21.71
CA VAL A 330 -2.81 -4.36 -20.36
C VAL A 330 -4.07 -4.94 -19.71
N LEU A 331 -5.23 -4.34 -19.95
CA LEU A 331 -6.47 -4.88 -19.43
C LEU A 331 -6.81 -6.24 -20.02
N GLN A 332 -6.13 -6.63 -21.11
CA GLN A 332 -6.39 -7.87 -21.81
C GLN A 332 -5.61 -9.05 -21.22
N MET A 333 -4.32 -8.85 -20.91
CA MET A 333 -3.48 -9.92 -20.36
C MET A 333 -4.01 -10.38 -19.00
N GLU A 334 -4.65 -11.54 -18.96
CA GLU A 334 -5.34 -11.93 -17.74
C GLU A 334 -4.57 -12.92 -16.87
N TYR A 335 -3.59 -13.65 -17.42
CA TYR A 335 -2.68 -14.35 -16.53
C TYR A 335 -1.77 -13.36 -15.79
N LEU A 336 -1.41 -12.25 -16.45
CA LEU A 336 -0.68 -11.19 -15.77
C LEU A 336 -1.50 -10.61 -14.61
N ASP A 337 -2.77 -10.32 -14.86
CA ASP A 337 -3.64 -9.86 -13.77
C ASP A 337 -3.80 -10.94 -12.72
N MET A 338 -3.83 -12.21 -13.13
CA MET A 338 -3.91 -13.31 -12.17
C MET A 338 -2.69 -13.37 -11.27
N VAL A 339 -1.50 -13.14 -11.84
CA VAL A 339 -0.27 -13.19 -11.04
C VAL A 339 -0.24 -12.04 -10.04
N VAL A 340 -0.60 -10.83 -10.47
CA VAL A 340 -0.58 -9.68 -9.57
C VAL A 340 -1.52 -9.91 -8.40
N ASN A 341 -2.74 -10.38 -8.69
CA ASN A 341 -3.75 -10.53 -7.65
C ASN A 341 -3.31 -11.54 -6.59
N GLU A 342 -2.71 -12.66 -7.02
CA GLU A 342 -2.30 -13.66 -6.04
C GLU A 342 -1.15 -13.15 -5.17
N THR A 343 -0.20 -12.42 -5.76
CA THR A 343 0.86 -11.84 -4.95
C THR A 343 0.28 -10.94 -3.87
N LEU A 344 -0.72 -10.14 -4.23
CA LEU A 344 -1.34 -9.25 -3.25
C LEU A 344 -2.04 -10.02 -2.14
N ARG A 345 -2.61 -11.18 -2.46
CA ARG A 345 -3.16 -12.02 -1.40
C ARG A 345 -2.07 -12.40 -0.40
N LEU A 346 -0.96 -12.95 -0.88
CA LEU A 346 0.09 -13.37 0.03
C LEU A 346 0.74 -12.19 0.76
N PHE A 347 0.75 -11.01 0.13
CA PHE A 347 1.46 -9.86 0.68
C PHE A 347 0.63 -8.60 0.52
N PRO A 348 -0.45 -8.46 1.29
CA PRO A 348 -1.23 -7.22 1.25
C PRO A 348 -0.62 -6.14 2.13
N ILE A 349 0.16 -5.25 1.52
CA ILE A 349 1.12 -4.39 2.22
C ILE A 349 0.52 -3.56 3.35
N ALA A 350 -0.79 -3.33 3.29
CA ALA A 350 -1.48 -2.60 4.36
C ALA A 350 -1.68 -3.45 5.61
N MET A 351 -1.79 -4.77 5.47
CA MET A 351 -1.92 -5.73 6.57
C MET A 351 -3.31 -5.61 7.15
N ARG A 352 -3.65 -4.45 7.71
CA ARG A 352 -4.98 -4.20 8.27
C ARG A 352 -5.69 -3.03 7.62
N LEU A 353 -7.00 -3.03 7.77
CA LEU A 353 -7.83 -1.87 7.48
C LEU A 353 -8.48 -1.42 8.78
N GLU A 354 -8.62 -0.11 8.96
CA GLU A 354 -9.06 0.44 10.24
C GLU A 354 -10.06 1.56 10.00
N ARG A 355 -11.13 1.58 10.80
CA ARG A 355 -12.08 2.69 10.84
C ARG A 355 -12.40 3.00 12.29
N VAL A 356 -12.57 4.29 12.59
CA VAL A 356 -12.94 4.74 13.93
C VAL A 356 -14.44 4.96 13.96
N CYS A 357 -15.10 4.31 14.92
CA CYS A 357 -16.55 4.34 15.05
C CYS A 357 -16.99 5.65 15.71
N LYS A 358 -17.87 6.41 15.03
CA LYS A 358 -18.18 7.77 15.41
C LYS A 358 -19.36 7.90 16.38
N LYS A 359 -20.07 6.83 16.68
CA LYS A 359 -21.23 6.93 17.57
C LYS A 359 -21.65 5.54 18.04
N ASP A 360 -22.45 5.51 19.10
CA ASP A 360 -23.05 4.27 19.56
C ASP A 360 -23.94 3.68 18.48
N VAL A 361 -23.53 2.55 17.90
CA VAL A 361 -24.31 1.86 16.89
C VAL A 361 -24.30 0.37 17.19
N GLU A 362 -24.91 -0.40 16.30
CA GLU A 362 -25.14 -1.82 16.53
C GLU A 362 -25.33 -2.47 15.15
N ILE A 363 -24.25 -3.04 14.62
CA ILE A 363 -24.26 -3.65 13.29
C ILE A 363 -24.26 -5.16 13.45
N ASN A 364 -24.96 -5.84 12.53
CA ASN A 364 -24.97 -7.30 12.46
C ASN A 364 -25.37 -7.94 13.79
N GLY A 365 -26.12 -7.20 14.62
CA GLY A 365 -26.57 -7.70 15.90
C GLY A 365 -25.68 -7.36 17.08
N MET A 366 -24.43 -6.99 16.86
CA MET A 366 -23.51 -6.71 17.96
C MET A 366 -23.30 -5.20 18.11
N PHE A 367 -22.97 -4.80 19.33
CA PHE A 367 -23.03 -3.41 19.77
C PHE A 367 -21.64 -2.78 19.79
N ILE A 368 -21.52 -1.59 19.20
CA ILE A 368 -20.23 -0.91 19.05
C ILE A 368 -20.29 0.45 19.76
N PRO A 369 -19.57 0.65 20.86
CA PRO A 369 -19.62 1.94 21.55
C PRO A 369 -18.77 3.00 20.87
N LYS A 370 -19.04 4.25 21.25
CA LYS A 370 -18.31 5.38 20.70
C LYS A 370 -16.81 5.25 20.94
N GLY A 371 -16.03 5.46 19.88
CA GLY A 371 -14.59 5.59 20.01
C GLY A 371 -13.77 4.36 19.69
N VAL A 372 -14.40 3.19 19.55
CA VAL A 372 -13.65 1.97 19.30
C VAL A 372 -13.11 1.98 17.88
N VAL A 373 -11.85 1.58 17.72
CA VAL A 373 -11.29 1.38 16.39
C VAL A 373 -11.71 0.01 15.89
N VAL A 374 -12.44 -0.02 14.79
CA VAL A 374 -12.90 -1.27 14.18
C VAL A 374 -11.86 -1.68 13.14
N MET A 375 -11.34 -2.90 13.27
CA MET A 375 -10.17 -3.32 12.50
C MET A 375 -10.49 -4.59 11.71
N ILE A 376 -9.85 -4.70 10.54
CA ILE A 376 -10.04 -5.83 9.65
C ILE A 376 -8.67 -6.40 9.31
N PRO A 377 -8.38 -7.65 9.66
CA PRO A 377 -7.03 -8.21 9.50
C PRO A 377 -6.82 -8.82 8.10
N SER A 378 -6.55 -7.94 7.14
CA SER A 378 -6.43 -8.35 5.75
C SER A 378 -5.46 -9.52 5.59
N TYR A 379 -4.26 -9.38 6.14
CA TYR A 379 -3.24 -10.42 5.99
C TYR A 379 -3.79 -11.78 6.38
N ALA A 380 -4.28 -11.90 7.62
CA ALA A 380 -4.74 -13.19 8.13
C ALA A 380 -5.90 -13.73 7.30
N LEU A 381 -6.84 -12.85 6.89
CA LEU A 381 -7.95 -13.29 6.06
C LEU A 381 -7.47 -13.81 4.72
N HIS A 382 -6.43 -13.19 4.16
CA HIS A 382 -5.82 -13.67 2.95
C HIS A 382 -5.16 -15.03 3.11
N ARG A 383 -5.13 -15.58 4.33
CA ARG A 383 -4.47 -16.84 4.60
C ARG A 383 -5.35 -17.78 5.43
N ASP A 384 -6.67 -17.59 5.38
CA ASP A 384 -7.60 -18.35 6.20
C ASP A 384 -7.95 -19.67 5.51
N PRO A 385 -7.72 -20.82 6.14
CA PRO A 385 -8.13 -22.10 5.54
C PRO A 385 -9.61 -22.19 5.24
N LYS A 386 -10.47 -21.52 6.02
CA LYS A 386 -11.91 -21.59 5.77
C LYS A 386 -12.31 -20.88 4.48
N TYR A 387 -11.35 -20.36 3.74
CA TYR A 387 -11.61 -19.78 2.42
C TYR A 387 -10.57 -20.12 1.37
N TRP A 388 -9.35 -20.48 1.75
CA TRP A 388 -8.25 -20.59 0.79
C TRP A 388 -7.63 -21.98 0.86
N THR A 389 -7.86 -22.78 -0.18
CA THR A 389 -7.10 -23.99 -0.37
C THR A 389 -5.62 -23.65 -0.45
N GLU A 390 -4.79 -24.45 0.26
CA GLU A 390 -3.35 -24.29 0.31
C GLU A 390 -3.00 -22.84 0.61
N PRO A 391 -3.18 -22.37 1.85
CA PRO A 391 -3.03 -20.93 2.11
C PRO A 391 -1.65 -20.38 1.75
N GLU A 392 -0.59 -20.97 2.29
CA GLU A 392 0.75 -20.43 2.08
C GLU A 392 1.24 -20.58 0.64
N LYS A 393 0.52 -21.31 -0.20
CA LYS A 393 0.95 -21.66 -1.54
C LYS A 393 0.69 -20.52 -2.52
N PHE A 394 1.54 -20.44 -3.55
CA PHE A 394 1.45 -19.42 -4.60
C PHE A 394 0.79 -20.07 -5.81
N LEU A 395 -0.54 -19.96 -5.87
CA LEU A 395 -1.37 -20.57 -6.92
C LEU A 395 -2.11 -19.46 -7.66
N PRO A 396 -1.50 -18.82 -8.65
CA PRO A 396 -2.22 -17.78 -9.41
C PRO A 396 -3.48 -18.29 -10.09
N GLU A 397 -3.69 -19.61 -10.17
CA GLU A 397 -4.90 -20.12 -10.82
C GLU A 397 -6.16 -19.83 -10.02
N ARG A 398 -6.04 -19.47 -8.74
CA ARG A 398 -7.22 -19.12 -7.94
C ARG A 398 -8.04 -18.02 -8.61
N PHE A 399 -7.41 -17.18 -9.42
CA PHE A 399 -8.02 -15.94 -9.91
C PHE A 399 -8.44 -16.01 -11.37
N SER A 400 -8.31 -17.17 -12.03
CA SER A 400 -8.84 -17.32 -13.36
C SER A 400 -10.36 -17.19 -13.35
N LYS A 401 -10.92 -16.80 -14.49
CA LYS A 401 -12.37 -16.67 -14.60
C LYS A 401 -13.09 -17.94 -14.21
N LYS A 402 -12.43 -19.10 -14.32
CA LYS A 402 -13.01 -20.36 -13.87
C LYS A 402 -13.24 -20.38 -12.36
N ASN A 403 -12.36 -19.75 -11.58
CA ASN A 403 -12.45 -19.78 -10.12
C ASN A 403 -12.67 -18.43 -9.45
N LYS A 404 -12.57 -17.31 -10.18
CA LYS A 404 -12.63 -15.98 -9.57
C LYS A 404 -14.04 -15.59 -9.09
N ASP A 405 -14.93 -16.57 -8.91
CA ASP A 405 -16.21 -16.35 -8.24
C ASP A 405 -16.30 -17.00 -6.88
N ASN A 406 -15.51 -18.05 -6.63
CA ASN A 406 -15.43 -18.69 -5.32
C ASN A 406 -14.61 -17.84 -4.36
N ILE A 407 -14.58 -16.52 -4.60
CA ILE A 407 -13.69 -15.59 -3.91
C ILE A 407 -14.51 -14.41 -3.43
N ASP A 408 -14.70 -14.29 -2.12
CA ASP A 408 -15.49 -13.22 -1.54
C ASP A 408 -14.75 -11.89 -1.64
N PRO A 409 -15.33 -10.86 -2.26
CA PRO A 409 -14.65 -9.56 -2.36
C PRO A 409 -14.49 -8.82 -1.05
N TYR A 410 -15.01 -9.36 0.05
CA TYR A 410 -14.76 -8.81 1.38
C TYR A 410 -13.87 -9.72 2.20
N ILE A 411 -13.26 -10.73 1.59
CA ILE A 411 -12.14 -11.43 2.18
C ILE A 411 -10.83 -11.04 1.51
N TYR A 412 -10.87 -10.74 0.22
CA TYR A 412 -9.71 -10.31 -0.56
C TYR A 412 -9.85 -8.80 -0.79
N THR A 413 -9.11 -8.02 -0.01
CA THR A 413 -9.22 -6.56 -0.03
C THR A 413 -7.84 -5.95 0.09
N PRO A 414 -6.99 -6.10 -0.94
CA PRO A 414 -5.67 -5.46 -0.89
C PRO A 414 -5.74 -3.97 -1.13
N PHE A 415 -6.86 -3.46 -1.64
CA PHE A 415 -7.09 -2.04 -1.87
C PHE A 415 -8.22 -1.48 -1.00
N GLY A 416 -8.62 -2.23 0.03
CA GLY A 416 -9.78 -1.88 0.81
C GLY A 416 -11.07 -2.01 0.02
N SER A 417 -12.10 -1.31 0.51
CA SER A 417 -13.40 -1.31 -0.14
C SER A 417 -14.24 -0.17 0.45
N GLY A 418 -15.21 0.27 -0.34
CA GLY A 418 -16.10 1.34 0.06
C GLY A 418 -15.58 2.71 -0.34
N PRO A 419 -16.31 3.75 0.07
CA PRO A 419 -15.91 5.12 -0.30
C PRO A 419 -14.46 5.47 0.03
N ARG A 420 -13.86 4.86 1.05
CA ARG A 420 -12.52 5.25 1.50
C ARG A 420 -11.49 4.20 1.11
N ASN A 421 -11.69 3.55 -0.04
CA ASN A 421 -10.73 2.59 -0.55
C ASN A 421 -9.52 3.32 -1.13
N CYS A 422 -8.62 2.57 -1.77
CA CYS A 422 -7.39 3.13 -2.33
C CYS A 422 -7.70 3.94 -3.57
N ILE A 423 -7.57 5.26 -3.46
CA ILE A 423 -7.89 6.13 -4.60
C ILE A 423 -6.95 5.90 -5.77
N GLY A 424 -5.81 5.28 -5.54
CA GLY A 424 -4.83 5.07 -6.60
C GLY A 424 -4.74 3.64 -7.06
N MET A 425 -5.79 2.84 -6.81
CA MET A 425 -5.78 1.43 -7.19
C MET A 425 -5.50 1.24 -8.68
N ARG A 426 -6.38 1.80 -9.53
CA ARG A 426 -6.25 1.58 -10.97
C ARG A 426 -4.89 2.02 -11.48
N PHE A 427 -4.36 3.13 -10.95
CA PHE A 427 -3.04 3.59 -11.37
C PHE A 427 -1.95 2.64 -10.88
N ALA A 428 -2.05 2.19 -9.62
CA ALA A 428 -1.08 1.24 -9.09
C ALA A 428 -1.05 -0.04 -9.93
N LEU A 429 -2.23 -0.62 -10.19
CA LEU A 429 -2.30 -1.81 -11.03
C LEU A 429 -1.71 -1.54 -12.41
N MET A 430 -2.13 -0.44 -13.05
CA MET A 430 -1.68 -0.14 -14.40
C MET A 430 -0.17 0.09 -14.45
N ASN A 431 0.40 0.71 -13.41
CA ASN A 431 1.82 1.00 -13.41
C ASN A 431 2.64 -0.26 -13.20
N MET A 432 2.28 -1.06 -12.19
CA MET A 432 3.01 -2.29 -11.91
C MET A 432 3.02 -3.22 -13.11
N LYS A 433 1.89 -3.34 -13.81
CA LYS A 433 1.82 -4.27 -14.93
C LYS A 433 2.66 -3.79 -16.11
N LEU A 434 2.64 -2.49 -16.38
CA LEU A 434 3.50 -1.94 -17.43
C LEU A 434 4.97 -2.20 -17.10
N ALA A 435 5.33 -2.11 -15.82
CA ALA A 435 6.69 -2.49 -15.43
C ALA A 435 6.93 -3.97 -15.69
N LEU A 436 5.93 -4.81 -15.40
CA LEU A 436 6.12 -6.25 -15.53
C LEU A 436 6.25 -6.66 -17.00
N ILE A 437 5.45 -6.07 -17.88
CA ILE A 437 5.44 -6.49 -19.28
C ILE A 437 6.78 -6.17 -19.95
N ARG A 438 7.18 -4.89 -19.90
CA ARG A 438 8.43 -4.50 -20.54
C ARG A 438 9.64 -5.20 -19.93
N VAL A 439 9.54 -5.66 -18.68
CA VAL A 439 10.66 -6.35 -18.06
C VAL A 439 10.72 -7.80 -18.49
N LEU A 440 9.58 -8.49 -18.50
CA LEU A 440 9.56 -9.90 -18.86
C LEU A 440 9.70 -10.12 -20.35
N GLN A 441 9.41 -9.10 -21.17
CA GLN A 441 9.66 -9.20 -22.61
C GLN A 441 11.15 -9.34 -22.92
N ASN A 442 12.02 -9.07 -21.95
CA ASN A 442 13.46 -9.01 -22.21
C ASN A 442 14.31 -9.83 -21.26
N PHE A 443 13.83 -10.17 -20.06
CA PHE A 443 14.68 -10.78 -19.05
C PHE A 443 13.98 -11.95 -18.37
N SER A 444 14.75 -12.70 -17.59
CA SER A 444 14.27 -13.79 -16.76
C SER A 444 15.01 -13.76 -15.43
N PHE A 445 14.46 -14.43 -14.43
CA PHE A 445 14.92 -14.29 -13.06
C PHE A 445 15.01 -15.66 -12.39
N LYS A 446 16.15 -15.94 -11.76
CA LYS A 446 16.43 -17.21 -11.12
C LYS A 446 16.88 -17.01 -9.69
N PRO A 447 16.60 -17.96 -8.80
CA PRO A 447 17.06 -17.82 -7.41
C PRO A 447 18.58 -17.96 -7.30
N CYS A 448 19.12 -17.26 -6.31
CA CYS A 448 20.55 -17.13 -6.06
C CYS A 448 20.94 -17.90 -4.82
N LYS A 449 22.15 -17.63 -4.30
CA LYS A 449 22.55 -18.15 -3.00
C LYS A 449 22.02 -17.27 -1.87
N GLU A 450 22.24 -15.96 -1.97
CA GLU A 450 21.67 -15.01 -1.02
C GLU A 450 20.15 -14.99 -1.08
N THR A 451 19.56 -15.60 -2.10
CA THR A 451 18.10 -15.63 -2.24
C THR A 451 17.48 -16.44 -1.10
N GLN A 452 16.57 -15.81 -0.38
CA GLN A 452 15.97 -16.38 0.82
C GLN A 452 14.70 -17.14 0.44
N ILE A 453 14.71 -18.46 0.67
CA ILE A 453 13.59 -19.32 0.34
C ILE A 453 13.29 -20.21 1.54
N PRO A 454 12.06 -20.20 2.08
CA PRO A 454 11.02 -19.27 1.63
C PRO A 454 11.27 -17.89 2.20
N LEU A 455 10.70 -16.86 1.59
CA LEU A 455 10.87 -15.52 2.12
C LEU A 455 10.21 -15.43 3.49
N LYS A 456 10.92 -14.81 4.43
CA LYS A 456 10.38 -14.54 5.76
C LYS A 456 9.98 -13.07 5.83
N LEU A 457 8.75 -12.83 6.30
CA LEU A 457 8.26 -11.47 6.41
C LEU A 457 8.95 -10.73 7.55
N SER A 458 8.91 -9.40 7.47
CA SER A 458 9.54 -8.58 8.47
C SER A 458 8.96 -8.86 9.86
N LEU A 459 9.86 -9.05 10.83
CA LEU A 459 9.45 -9.09 12.23
C LEU A 459 8.83 -7.77 12.66
N GLY A 460 9.14 -6.68 11.97
CA GLY A 460 8.70 -5.35 12.34
C GLY A 460 7.23 -5.06 12.09
N GLY A 461 6.93 -3.82 11.70
CA GLY A 461 5.56 -3.33 11.70
C GLY A 461 4.96 -2.97 10.36
N LEU A 462 5.68 -3.24 9.28
CA LEU A 462 5.11 -3.16 7.95
C LEU A 462 5.35 -4.48 7.25
N LEU A 463 4.86 -4.58 6.02
CA LEU A 463 4.98 -5.81 5.25
C LEU A 463 6.01 -5.58 4.16
N GLN A 464 7.26 -5.92 4.48
CA GLN A 464 8.38 -5.89 3.55
C GLN A 464 9.19 -7.15 3.77
N PRO A 465 10.09 -7.51 2.86
CA PRO A 465 10.94 -8.69 3.12
C PRO A 465 11.90 -8.43 4.27
N GLU A 466 12.07 -9.44 5.11
CA GLU A 466 13.02 -9.32 6.22
C GLU A 466 14.42 -9.04 5.69
N LYS A 467 14.88 -9.83 4.71
CA LYS A 467 16.10 -9.56 3.96
C LYS A 467 15.76 -9.20 2.52
N PRO A 468 16.38 -8.15 1.96
CA PRO A 468 16.01 -7.69 0.62
C PRO A 468 16.00 -8.77 -0.45
N VAL A 469 15.21 -8.55 -1.50
CA VAL A 469 15.00 -9.55 -2.54
C VAL A 469 16.06 -9.36 -3.61
N VAL A 470 16.91 -10.38 -3.79
CA VAL A 470 18.02 -10.33 -4.73
C VAL A 470 18.04 -11.64 -5.51
N LEU A 471 18.12 -11.53 -6.85
CA LEU A 471 17.90 -12.68 -7.72
C LEU A 471 18.88 -12.68 -8.88
N LYS A 472 19.05 -13.87 -9.48
CA LYS A 472 19.78 -14.01 -10.73
C LYS A 472 18.98 -13.41 -11.88
N VAL A 473 19.67 -12.77 -12.82
CA VAL A 473 19.02 -12.08 -13.95
C VAL A 473 19.77 -12.45 -15.23
N GLU A 474 19.14 -13.27 -16.07
CA GLU A 474 19.66 -13.58 -17.40
C GLU A 474 18.93 -12.71 -18.42
N SER A 475 19.25 -12.90 -19.70
CA SER A 475 18.61 -12.11 -20.74
C SER A 475 18.40 -12.95 -21.98
N ARG A 476 17.38 -12.60 -22.74
CA ARG A 476 17.05 -13.29 -23.99
C ARG A 476 17.72 -12.55 -25.15
N ASP A 477 18.60 -13.26 -25.86
CA ASP A 477 19.40 -12.70 -26.96
C ASP A 477 19.88 -11.27 -26.72
CHA HEM B . -5.47 3.81 0.74
CHB HEM B . -3.51 -0.31 -0.94
CHC HEM B . -1.07 2.28 -4.22
CHD HEM B . -3.22 6.32 -2.73
C1A HEM B . -5.15 2.49 0.56
C2A HEM B . -5.71 1.38 1.32
C3A HEM B . -5.18 0.24 0.86
C4A HEM B . -4.26 0.58 -0.21
CMA HEM B . -5.49 -1.17 1.39
CAA HEM B . -6.75 1.49 2.44
CBA HEM B . -8.13 1.23 1.86
CGA HEM B . -9.12 1.20 2.98
O1A HEM B . -10.12 0.46 2.86
O2A HEM B . -8.90 1.89 4.02
C1B HEM B . -2.66 0.05 -1.96
C2B HEM B . -1.80 -0.86 -2.70
C3B HEM B . -1.12 -0.14 -3.61
C4B HEM B . -1.54 1.24 -3.46
CMB HEM B . -1.74 -2.39 -2.43
CAB HEM B . -0.08 -0.58 -4.67
CBB HEM B . 0.33 -1.84 -4.87
C1C HEM B . -1.46 3.59 -4.12
C2C HEM B . -1.01 4.67 -4.98
C3C HEM B . -1.61 5.79 -4.55
C4C HEM B . -2.45 5.45 -3.43
CMC HEM B . -0.03 4.47 -6.15
CAC HEM B . -1.53 7.25 -5.08
CBC HEM B . -0.87 7.61 -6.18
C1D HEM B . -3.98 5.99 -1.65
C2D HEM B . -4.71 6.93 -0.84
C3D HEM B . -5.33 6.26 0.13
C4D HEM B . -5.03 4.85 -0.05
CMD HEM B . -4.70 8.45 -1.10
CAD HEM B . -6.24 6.83 1.24
CBD HEM B . -7.66 6.94 0.72
CGD HEM B . -8.54 7.74 1.65
O1D HEM B . -9.54 8.33 1.15
O2D HEM B . -8.25 7.80 2.87
NA HEM B . -4.27 1.95 -0.37
NB HEM B . -2.47 1.31 -2.46
NC HEM B . -2.34 4.09 -3.19
ND HEM B . -4.20 4.73 -1.15
FE HEM B . -3.42 3.00 -1.91
C10 QEA C . 1.87 5.80 7.35
C12 QEA C . 1.30 8.11 5.22
C13 QEA C . 2.36 7.29 4.46
C14 QEA C . 3.78 7.74 4.59
C01 QEA C . 0.86 1.73 3.78
C02 QEA C . 1.96 0.93 4.47
C03 QEA C . 2.93 0.33 3.41
C04 QEA C . 1.30 -0.29 5.16
C06 QEA C . 3.18 2.93 5.19
C09 QEA C . 1.69 4.26 6.73
C15 QEA C . 4.18 9.01 4.12
C16 QEA C . 5.53 9.43 4.26
C17 QEA C . 6.48 8.59 4.87
C18 QEA C . 6.07 7.33 5.34
C19 QEA C . 4.74 6.91 5.20
C20 QEA C . 0.04 8.63 4.31
C23 QEA C . -0.17 6.47 2.97
C24 QEA C . 0.06 6.27 1.46
C25 QEA C . -0.31 4.93 0.93
C26 QEA C . -1.48 4.73 0.17
C28 QEA C . -1.03 2.46 -0.02
C29 QEA C . 0.15 2.57 0.73
C30 QEA C . 0.52 3.83 1.21
C31 QEA C . 0.22 3.59 6.85
C32 QEA C . -0.95 3.99 6.04
C33 QEA C . -1.17 5.26 5.54
C35 QEA C . -2.97 4.06 4.92
C36 QEA C . -2.12 3.19 5.68
C37 QEA C . -2.54 1.87 5.88
C38 QEA C . -3.76 1.49 5.33
C39 QEA C . -4.57 2.38 4.58
C40 QEA C . -4.19 3.67 4.36
N08 QEA C . 2.32 4.04 5.39
N22 QEA C . -0.58 7.84 3.32
N27 QEA C . -1.83 3.52 -0.30
N34 QEA C . -2.38 5.29 4.83
O05 QEA C . 2.60 1.72 5.50
O07 QEA C . 4.40 3.00 5.15
O21 QEA C . -0.46 9.74 4.45
S11 QEA C . 0.71 7.21 6.85
#